data_3CLD
#
_entry.id   3CLD
#
_cell.length_a   127.340
_cell.length_b   127.340
_cell.length_c   77.772
_cell.angle_alpha   90.00
_cell.angle_beta   90.00
_cell.angle_gamma   120.00
#
_symmetry.space_group_name_H-M   'P 61'
#
loop_
_entity.id
_entity.type
_entity.pdbx_description
1 polymer 'Glucocorticoid receptor'
2 polymer 'Tif2 coactivator motif'
3 non-polymer '(6alpha,11alpha,14beta,16alpha,17alpha)-6,9-difluoro-17-{[(fluoromethyl)sulfanyl]carbonyl}-11-hydroxy-16-methyl-3-oxoan drosta-1,4-dien-17-yl furan-2-carboxylate'
4 water water
#
loop_
_entity_poly.entity_id
_entity_poly.type
_entity_poly.pdbx_seq_one_letter_code
_entity_poly.pdbx_strand_id
1 'polypeptide(L)'
;GSVPATLPQLTPTLVSLLEVIEPEVLYAGYDSSVPDSTWRIMTTLNMLGGRQVIAAVKWAKAIPGFRNLHLDDQMTLLQY
SWMYLMAFALGWRSYRQSSANLLCFAPDLIINEQRMTLPGMYDQCKHMLYVSSELHRLQVSYEEYLCMKTLLLLSSVPKD
GLKSQELFDEIRMTYIKELGKAIVKREGNSSQNWQRFYQLTKLLDSMHEVVENLLNYCFQTFLDKTMSIEFPEMLAEIIT
NQIPKYSNGNIKKLLFHQK
;
A,B
2 'polypeptide(L)' KENALLRYLLDK H,C
#
loop_
_chem_comp.id
_chem_comp.type
_chem_comp.name
_chem_comp.formula
GW6 non-polymer '(6alpha,11alpha,14beta,16alpha,17alpha)-6,9-difluoro-17-{[(fluoromethyl)sulfanyl]carbonyl}-11-hydroxy-16-methyl-3-oxoan drosta-1,4-dien-17-yl furan-2-carboxylate' 'C27 H29 F3 O6 S'
#
# COMPACT_ATOMS: atom_id res chain seq x y z
N PRO A 8 21.87 2.27 6.86
CA PRO A 8 22.25 1.32 7.91
C PRO A 8 21.53 -0.02 7.75
N GLN A 9 20.38 -0.18 8.41
CA GLN A 9 19.51 -1.34 8.17
C GLN A 9 18.77 -1.19 6.83
N LEU A 10 19.43 -1.62 5.76
CA LEU A 10 18.81 -1.63 4.42
C LEU A 10 18.11 -2.97 4.18
N THR A 11 18.01 -3.75 5.25
CA THR A 11 17.20 -4.96 5.28
C THR A 11 16.10 -4.60 6.29
N PRO A 12 14.82 -4.75 5.88
CA PRO A 12 13.70 -4.16 6.60
C PRO A 12 13.14 -5.01 7.75
N THR A 13 12.91 -4.37 8.89
CA THR A 13 12.30 -5.01 10.04
C THR A 13 10.84 -5.37 9.75
N LEU A 14 10.39 -6.45 10.37
CA LEU A 14 9.02 -6.90 10.22
C LEU A 14 8.02 -5.79 10.55
N VAL A 15 8.38 -4.90 11.48
CA VAL A 15 7.53 -3.78 11.87
C VAL A 15 7.34 -2.79 10.72
N SER A 16 8.44 -2.44 10.06
CA SER A 16 8.41 -1.51 8.93
C SER A 16 7.59 -2.06 7.76
N LEU A 17 7.52 -3.38 7.64
CA LEU A 17 6.64 -4.01 6.66
C LEU A 17 5.18 -3.79 7.04
N LEU A 18 4.85 -4.05 8.31
CA LEU A 18 3.50 -3.80 8.82
C LEU A 18 3.12 -2.34 8.66
N GLU A 19 4.12 -1.47 8.77
CA GLU A 19 3.92 -0.04 8.58
C GLU A 19 3.43 0.29 7.16
N VAL A 20 3.96 -0.39 6.14
CA VAL A 20 3.51 -0.13 4.76
C VAL A 20 2.21 -0.85 4.39
N ILE A 21 1.98 -2.04 4.94
CA ILE A 21 0.78 -2.81 4.58
C ILE A 21 -0.52 -2.28 5.23
N GLU A 22 -0.37 -1.38 6.20
CA GLU A 22 -1.50 -0.76 6.91
C GLU A 22 -2.44 -0.02 5.95
N PRO A 23 -3.66 -0.53 5.74
CA PRO A 23 -4.56 0.02 4.71
C PRO A 23 -4.96 1.48 4.95
N GLU A 24 -5.06 2.26 3.88
CA GLU A 24 -5.49 3.66 3.99
C GLU A 24 -6.86 3.72 4.66
N VAL A 25 -7.10 4.77 5.44
CA VAL A 25 -8.34 4.90 6.23
C VAL A 25 -9.54 5.22 5.34
N LEU A 26 -10.63 4.47 5.52
CA LEU A 26 -11.81 4.56 4.66
C LEU A 26 -12.86 5.56 5.16
N TYR A 27 -13.42 6.32 4.23
CA TYR A 27 -14.51 7.25 4.50
C TYR A 27 -15.84 6.50 4.60
N ALA A 28 -16.77 7.03 5.40
CA ALA A 28 -18.07 6.39 5.63
C ALA A 28 -19.14 6.72 4.57
N GLY A 29 -19.04 7.91 3.98
CA GLY A 29 -20.03 8.38 3.02
C GLY A 29 -21.28 8.94 3.66
N TYR A 30 -21.23 9.18 4.97
CA TYR A 30 -22.36 9.69 5.75
C TYR A 30 -22.77 11.09 5.30
N ASP A 31 -24.05 11.26 5.03
CA ASP A 31 -24.60 12.54 4.54
C ASP A 31 -24.81 13.53 5.69
N SER A 32 -24.27 14.73 5.53
CA SER A 32 -24.31 15.77 6.58
C SER A 32 -25.56 16.68 6.53
N SER A 33 -26.30 16.64 5.42
CA SER A 33 -27.51 17.44 5.31
C SER A 33 -28.70 16.77 5.99
N VAL A 34 -28.77 15.44 5.87
CA VAL A 34 -29.83 14.64 6.51
C VAL A 34 -29.59 14.61 8.02
N PRO A 35 -30.66 14.69 8.83
CA PRO A 35 -30.51 14.66 10.30
C PRO A 35 -29.94 13.34 10.80
N ASP A 36 -29.24 13.39 11.93
CA ASP A 36 -28.63 12.21 12.53
C ASP A 36 -29.67 11.33 13.23
N SER A 37 -29.42 10.02 13.20
CA SER A 37 -30.28 9.04 13.85
C SER A 37 -29.43 7.85 14.27
N THR A 38 -29.87 7.15 15.31
CA THR A 38 -29.17 5.95 15.76
C THR A 38 -29.32 4.84 14.72
N TRP A 39 -30.53 4.69 14.19
CA TRP A 39 -30.82 3.82 13.05
C TRP A 39 -29.81 4.04 11.93
N ARG A 40 -29.70 5.30 11.49
CA ARG A 40 -28.92 5.67 10.32
C ARG A 40 -27.43 5.52 10.53
N ILE A 41 -26.96 5.90 11.70
CA ILE A 41 -25.55 5.80 12.03
C ILE A 41 -25.10 4.33 12.06
N MET A 42 -25.88 3.49 12.75
CA MET A 42 -25.57 2.05 12.83
C MET A 42 -25.46 1.36 11.48
N THR A 43 -26.40 1.67 10.58
CA THR A 43 -26.39 1.10 9.24
C THR A 43 -25.18 1.60 8.48
N THR A 44 -24.99 2.92 8.47
CA THR A 44 -23.84 3.50 7.79
C THR A 44 -22.57 2.87 8.33
N LEU A 45 -22.56 2.60 9.63
CA LEU A 45 -21.42 1.95 10.28
C LEU A 45 -21.27 0.50 9.87
N ASN A 46 -22.38 -0.21 9.69
CA ASN A 46 -22.32 -1.60 9.21
C ASN A 46 -21.73 -1.69 7.82
N MET A 47 -22.19 -0.83 6.92
CA MET A 47 -21.63 -0.76 5.56
C MET A 47 -20.14 -0.47 5.59
N LEU A 48 -19.74 0.56 6.36
CA LEU A 48 -18.31 0.84 6.57
C LEU A 48 -17.59 -0.40 7.10
N GLY A 49 -18.22 -1.08 8.06
CA GLY A 49 -17.66 -2.29 8.64
C GLY A 49 -17.31 -3.31 7.58
N GLY A 50 -18.20 -3.47 6.59
CA GLY A 50 -18.01 -4.44 5.52
C GLY A 50 -16.79 -4.13 4.67
N ARG A 51 -16.63 -2.87 4.32
CA ARG A 51 -15.52 -2.45 3.49
C ARG A 51 -14.22 -2.49 4.30
N GLN A 52 -14.35 -2.32 5.61
CA GLN A 52 -13.21 -2.39 6.50
C GLN A 52 -12.69 -3.83 6.60
N VAL A 53 -13.60 -4.80 6.52
CA VAL A 53 -13.24 -6.21 6.55
C VAL A 53 -12.52 -6.62 5.26
N ILE A 54 -13.01 -6.17 4.12
CA ILE A 54 -12.38 -6.44 2.82
C ILE A 54 -10.95 -5.91 2.83
N ALA A 55 -10.75 -4.70 3.37
CA ALA A 55 -9.41 -4.15 3.53
C ALA A 55 -8.55 -5.04 4.44
N ALA A 56 -9.12 -5.52 5.55
CA ALA A 56 -8.41 -6.38 6.51
C ALA A 56 -7.96 -7.74 5.93
N VAL A 57 -8.72 -8.25 4.97
CA VAL A 57 -8.34 -9.47 4.26
C VAL A 57 -7.06 -9.19 3.48
N LYS A 58 -7.07 -8.15 2.65
CA LYS A 58 -5.89 -7.74 1.88
C LYS A 58 -4.71 -7.52 2.81
N TRP A 59 -4.99 -6.96 3.99
CA TRP A 59 -3.94 -6.67 4.97
C TRP A 59 -3.30 -7.94 5.52
N ALA A 60 -4.13 -8.86 6.02
CA ALA A 60 -3.69 -10.14 6.57
C ALA A 60 -2.84 -10.95 5.58
N LYS A 61 -3.26 -10.98 4.32
CA LYS A 61 -2.54 -11.70 3.29
C LYS A 61 -1.12 -11.20 3.12
N ALA A 62 -0.89 -9.93 3.46
CA ALA A 62 0.43 -9.33 3.32
C ALA A 62 1.31 -9.59 4.55
N ILE A 63 0.71 -10.13 5.60
CA ILE A 63 1.47 -10.49 6.80
C ILE A 63 2.31 -11.74 6.52
N PRO A 64 3.65 -11.64 6.66
CA PRO A 64 4.49 -12.77 6.29
C PRO A 64 4.12 -13.99 7.13
N GLY A 65 3.96 -15.13 6.46
CA GLY A 65 3.53 -16.35 7.13
C GLY A 65 2.05 -16.64 7.00
N PHE A 66 1.22 -15.60 7.15
CA PHE A 66 -0.23 -15.76 7.11
C PHE A 66 -0.71 -16.56 5.89
N ARG A 67 -0.40 -16.05 4.69
CA ARG A 67 -0.75 -16.72 3.44
C ARG A 67 -0.24 -18.16 3.32
N ASN A 68 0.58 -18.59 4.28
CA ASN A 68 1.13 -19.94 4.30
C ASN A 68 0.36 -20.92 5.19
N LEU A 69 -0.60 -20.41 5.96
CA LEU A 69 -1.50 -21.24 6.73
C LEU A 69 -2.47 -21.97 5.82
N HIS A 70 -3.18 -22.96 6.37
CA HIS A 70 -4.26 -23.60 5.66
C HIS A 70 -5.26 -22.51 5.35
N LEU A 71 -5.85 -22.57 4.15
CA LEU A 71 -6.83 -21.59 3.71
C LEU A 71 -8.04 -21.55 4.64
N ASP A 72 -8.44 -22.72 5.14
CA ASP A 72 -9.51 -22.82 6.13
C ASP A 72 -9.12 -22.15 7.45
N ASP A 73 -7.84 -22.24 7.81
CA ASP A 73 -7.31 -21.52 8.96
C ASP A 73 -7.35 -20.01 8.75
N GLN A 74 -6.85 -19.56 7.60
CA GLN A 74 -6.89 -18.15 7.20
C GLN A 74 -8.29 -17.60 7.36
N MET A 75 -9.27 -18.42 6.97
CA MET A 75 -10.67 -18.07 7.13
C MET A 75 -11.06 -17.96 8.60
N THR A 76 -10.76 -19.01 9.37
CA THR A 76 -11.12 -19.06 10.79
C THR A 76 -10.58 -17.85 11.55
N LEU A 77 -9.32 -17.50 11.28
CA LEU A 77 -8.67 -16.40 11.97
C LEU A 77 -9.38 -15.09 11.70
N LEU A 78 -9.71 -14.85 10.43
CA LEU A 78 -10.41 -13.62 10.07
C LEU A 78 -11.84 -13.60 10.59
N GLN A 79 -12.51 -14.74 10.58
CA GLN A 79 -13.85 -14.86 11.14
C GLN A 79 -13.88 -14.66 12.66
N TYR A 80 -12.90 -15.21 13.36
CA TYR A 80 -12.83 -15.05 14.81
C TYR A 80 -12.45 -13.63 15.23
N SER A 81 -11.58 -12.99 14.44
CA SER A 81 -10.91 -11.79 14.89
C SER A 81 -11.35 -10.46 14.25
N TRP A 82 -12.28 -10.51 13.29
CA TRP A 82 -12.69 -9.29 12.60
C TRP A 82 -13.07 -8.17 13.58
N MET A 83 -13.89 -8.49 14.59
CA MET A 83 -14.32 -7.47 15.55
C MET A 83 -13.16 -6.88 16.36
N TYR A 84 -12.20 -7.73 16.77
CA TYR A 84 -11.00 -7.25 17.46
C TYR A 84 -10.27 -6.22 16.60
N LEU A 85 -10.05 -6.56 15.33
CA LEU A 85 -9.29 -5.70 14.44
C LEU A 85 -10.01 -4.37 14.26
N MET A 86 -11.34 -4.42 14.10
CA MET A 86 -12.11 -3.21 13.81
C MET A 86 -12.13 -2.30 15.04
N ALA A 87 -12.40 -2.90 16.19
CA ALA A 87 -12.48 -2.18 17.45
C ALA A 87 -11.12 -1.59 17.81
N PHE A 88 -10.05 -2.34 17.57
CA PHE A 88 -8.72 -1.85 17.93
C PHE A 88 -8.33 -0.64 17.08
N ALA A 89 -8.50 -0.77 15.75
CA ALA A 89 -8.23 0.31 14.81
C ALA A 89 -9.07 1.55 15.10
N LEU A 90 -10.34 1.32 15.47
CA LEU A 90 -11.21 2.38 15.93
C LEU A 90 -10.60 3.09 17.14
N GLY A 91 -10.19 2.31 18.14
CA GLY A 91 -9.58 2.84 19.34
C GLY A 91 -8.38 3.70 19.02
N TRP A 92 -7.57 3.24 18.06
CA TRP A 92 -6.42 4.00 17.59
C TRP A 92 -6.83 5.31 16.92
N ARG A 93 -7.68 5.22 15.91
CA ARG A 93 -8.19 6.42 15.23
C ARG A 93 -8.75 7.46 16.20
N SER A 94 -9.54 6.99 17.17
CA SER A 94 -10.12 7.86 18.18
C SER A 94 -9.04 8.51 19.06
N TYR A 95 -7.99 7.74 19.34
CA TYR A 95 -6.85 8.19 20.15
C TYR A 95 -6.02 9.23 19.42
N ARG A 96 -5.73 8.98 18.14
CA ARG A 96 -4.96 9.91 17.33
C ARG A 96 -5.67 11.23 16.99
N GLN A 97 -7.01 11.27 17.11
CA GLN A 97 -7.77 12.50 16.84
C GLN A 97 -8.40 13.08 18.11
N ASN A 101 -12.57 12.81 24.62
CA ASN A 101 -12.73 11.40 24.17
C ASN A 101 -13.88 11.25 23.16
N LEU A 102 -13.52 11.08 21.88
CA LEU A 102 -14.51 10.89 20.82
C LEU A 102 -14.27 9.60 20.01
N LEU A 103 -15.11 9.32 19.02
CA LEU A 103 -14.97 8.09 18.25
C LEU A 103 -14.89 8.37 16.75
N CYS A 104 -13.74 8.10 16.17
CA CYS A 104 -13.54 8.38 14.75
C CYS A 104 -13.73 7.15 13.91
N PHE A 105 -14.97 6.87 13.58
CA PHE A 105 -15.26 5.75 12.71
C PHE A 105 -14.69 6.03 11.33
N ALA A 106 -14.81 7.29 10.91
CA ALA A 106 -14.27 7.77 9.63
C ALA A 106 -14.06 9.28 9.70
N PRO A 107 -13.13 9.82 8.88
CA PRO A 107 -12.92 11.28 8.79
C PRO A 107 -14.21 12.04 8.55
N ASP A 108 -15.20 11.38 7.95
CA ASP A 108 -16.50 11.99 7.68
C ASP A 108 -17.63 11.51 8.60
N LEU A 109 -17.33 10.59 9.52
CA LEU A 109 -18.30 10.18 10.54
C LEU A 109 -17.66 10.05 11.92
N ILE A 110 -17.52 11.18 12.59
CA ILE A 110 -17.02 11.24 13.95
C ILE A 110 -18.19 11.35 14.90
N ILE A 111 -18.28 10.42 15.85
CA ILE A 111 -19.27 10.54 16.90
C ILE A 111 -18.73 11.52 17.92
N ASN A 112 -19.31 12.72 17.90
CA ASN A 112 -18.90 13.80 18.79
C ASN A 112 -19.74 13.81 20.07
N GLU A 113 -19.56 14.86 20.87
CA GLU A 113 -20.27 15.02 22.13
C GLU A 113 -21.79 14.99 21.97
N GLN A 114 -22.30 15.67 20.94
CA GLN A 114 -23.73 15.75 20.69
C GLN A 114 -24.33 14.43 20.19
N ARG A 115 -23.67 13.82 19.22
CA ARG A 115 -24.16 12.56 18.66
C ARG A 115 -24.21 11.46 19.71
N MET A 116 -23.28 11.52 20.66
CA MET A 116 -23.20 10.58 21.78
C MET A 116 -24.49 10.56 22.60
N THR A 117 -25.15 11.70 22.67
CA THR A 117 -26.36 11.83 23.46
C THR A 117 -27.61 11.24 22.78
N LEU A 118 -27.46 10.76 21.54
CA LEU A 118 -28.55 10.09 20.82
C LEU A 118 -28.97 8.78 21.51
N PRO A 119 -30.27 8.43 21.43
CA PRO A 119 -30.77 7.24 22.13
C PRO A 119 -30.06 5.95 21.72
N GLY A 120 -29.64 5.18 22.72
CA GLY A 120 -28.97 3.90 22.51
C GLY A 120 -27.54 3.99 22.01
N MET A 121 -27.00 5.21 21.95
CA MET A 121 -25.70 5.48 21.33
C MET A 121 -24.51 5.15 22.24
N TYR A 122 -24.36 5.90 23.33
CA TYR A 122 -23.26 5.73 24.28
C TYR A 122 -23.26 4.36 24.95
N ASP A 123 -24.45 3.76 25.01
CA ASP A 123 -24.65 2.42 25.54
C ASP A 123 -23.69 1.36 24.95
N GLN A 124 -23.44 1.45 23.65
CA GLN A 124 -22.47 0.58 22.97
C GLN A 124 -21.13 1.28 22.89
N CYS A 125 -21.18 2.59 22.68
CA CYS A 125 -19.97 3.39 22.49
C CYS A 125 -19.03 3.42 23.69
N LYS A 126 -19.57 3.23 24.89
CA LYS A 126 -18.73 3.13 26.08
C LYS A 126 -17.62 2.07 25.94
N HIS A 127 -17.95 0.94 25.33
CA HIS A 127 -17.00 -0.17 25.15
C HIS A 127 -15.89 0.18 24.17
N MET A 128 -16.26 0.84 23.08
CA MET A 128 -15.30 1.25 22.09
C MET A 128 -14.44 2.39 22.61
N LEU A 129 -15.04 3.25 23.43
CA LEU A 129 -14.32 4.33 24.09
C LEU A 129 -13.26 3.81 25.05
N TYR A 130 -13.57 2.71 25.74
CA TYR A 130 -12.64 2.10 26.68
C TYR A 130 -11.27 1.79 26.02
N VAL A 131 -11.30 1.09 24.89
CA VAL A 131 -10.10 0.79 24.11
C VAL A 131 -9.32 2.07 23.82
N SER A 132 -10.03 3.10 23.39
CA SER A 132 -9.42 4.38 23.05
C SER A 132 -8.74 5.06 24.24
N SER A 133 -9.36 5.00 25.42
CA SER A 133 -8.77 5.64 26.60
C SER A 133 -7.62 4.84 27.21
N GLU A 134 -7.57 3.54 26.90
CA GLU A 134 -6.44 2.69 27.30
C GLU A 134 -5.19 3.03 26.50
N LEU A 135 -5.36 3.20 25.19
CA LEU A 135 -4.28 3.64 24.31
C LEU A 135 -3.73 5.00 24.71
N HIS A 136 -4.61 5.92 25.11
CA HIS A 136 -4.15 7.22 25.59
C HIS A 136 -3.50 7.11 26.97
N ARG A 137 -4.06 6.27 27.84
CA ARG A 137 -3.50 6.07 29.17
C ARG A 137 -2.08 5.53 29.04
N LEU A 138 -1.97 4.32 28.51
CA LEU A 138 -0.68 3.64 28.34
C LEU A 138 0.24 4.36 27.35
N GLN A 139 -0.30 5.39 26.68
CA GLN A 139 0.47 6.26 25.78
C GLN A 139 1.17 5.49 24.66
N VAL A 140 0.43 4.54 24.08
CA VAL A 140 0.93 3.60 23.08
C VAL A 140 1.49 4.31 21.85
N SER A 141 2.63 3.83 21.37
CA SER A 141 3.23 4.35 20.14
C SER A 141 2.69 3.61 18.93
N TYR A 142 2.94 4.15 17.74
CA TYR A 142 2.44 3.58 16.49
C TYR A 142 2.97 2.19 16.20
N GLU A 143 4.26 1.98 16.43
CA GLU A 143 4.88 0.69 16.13
C GLU A 143 4.41 -0.39 17.09
N GLU A 144 4.22 -0.01 18.36
CA GLU A 144 3.61 -0.92 19.32
C GLU A 144 2.23 -1.32 18.80
N TYR A 145 1.45 -0.31 18.42
CA TYR A 145 0.10 -0.49 17.87
C TYR A 145 0.04 -1.52 16.74
N LEU A 146 0.95 -1.41 15.77
CA LEU A 146 0.98 -2.33 14.64
C LEU A 146 1.27 -3.77 15.02
N CYS A 147 2.11 -3.99 16.04
CA CYS A 147 2.36 -5.35 16.54
C CYS A 147 1.15 -5.88 17.31
N MET A 148 0.51 -5.01 18.07
CA MET A 148 -0.63 -5.38 18.89
C MET A 148 -1.80 -5.79 17.98
N LYS A 149 -2.04 -5.02 16.93
CA LYS A 149 -3.14 -5.34 16.04
C LYS A 149 -2.87 -6.66 15.34
N THR A 150 -1.64 -6.89 14.94
CA THR A 150 -1.28 -8.16 14.33
C THR A 150 -1.60 -9.32 15.26
N LEU A 151 -1.21 -9.19 16.53
CA LEU A 151 -1.48 -10.22 17.52
C LEU A 151 -2.99 -10.42 17.70
N LEU A 152 -3.76 -9.35 17.50
CA LEU A 152 -5.21 -9.44 17.62
C LEU A 152 -5.81 -10.34 16.54
N LEU A 153 -5.17 -10.36 15.36
CA LEU A 153 -5.55 -11.32 14.34
C LEU A 153 -5.36 -12.76 14.83
N LEU A 154 -4.51 -12.92 15.85
CA LEU A 154 -4.05 -14.24 16.29
C LEU A 154 -4.42 -14.52 17.74
N SER A 155 -5.59 -14.04 18.16
CA SER A 155 -5.94 -14.04 19.58
C SER A 155 -7.02 -15.04 19.94
N SER A 156 -7.65 -15.62 18.92
CA SER A 156 -8.66 -16.66 19.10
C SER A 156 -8.39 -17.81 18.17
N VAL A 157 -8.66 -19.03 18.62
CA VAL A 157 -8.62 -20.22 17.76
C VAL A 157 -9.72 -21.18 18.18
N PRO A 158 -10.13 -22.11 17.29
CA PRO A 158 -11.08 -23.13 17.69
C PRO A 158 -10.57 -24.01 18.84
N LYS A 159 -11.49 -24.64 19.57
CA LYS A 159 -11.15 -25.46 20.74
C LYS A 159 -10.08 -26.51 20.44
N ASP A 160 -10.30 -27.31 19.40
CA ASP A 160 -9.36 -28.38 19.04
C ASP A 160 -8.29 -27.90 18.03
N GLY A 161 -7.88 -26.65 18.18
CA GLY A 161 -6.81 -26.10 17.36
C GLY A 161 -7.16 -25.84 15.90
N LEU A 162 -6.20 -25.27 15.18
CA LEU A 162 -6.29 -25.06 13.75
C LEU A 162 -5.73 -26.29 13.04
N LYS A 163 -5.74 -26.26 11.71
CA LYS A 163 -5.17 -27.34 10.92
C LYS A 163 -3.67 -27.17 10.75
N SER A 164 -3.19 -25.94 10.77
CA SER A 164 -1.77 -25.61 10.74
C SER A 164 -1.38 -24.95 12.06
N GLN A 165 -1.71 -25.64 13.16
CA GLN A 165 -1.50 -25.13 14.50
C GLN A 165 -0.04 -24.76 14.77
N GLU A 166 0.88 -25.59 14.29
CA GLU A 166 2.32 -25.39 14.49
C GLU A 166 2.77 -24.06 13.88
N LEU A 167 2.50 -23.87 12.59
CA LEU A 167 2.85 -22.63 11.91
C LEU A 167 2.18 -21.44 12.58
N PHE A 168 0.91 -21.58 12.94
CA PHE A 168 0.22 -20.54 13.68
C PHE A 168 0.91 -20.18 14.99
N ASP A 169 1.29 -21.21 15.75
CA ASP A 169 2.00 -21.01 17.01
C ASP A 169 3.27 -20.24 16.79
N GLU A 170 3.95 -20.54 15.68
CA GLU A 170 5.23 -19.91 15.39
C GLU A 170 5.07 -18.45 14.94
N ILE A 171 4.06 -18.18 14.11
CA ILE A 171 3.75 -16.81 13.68
C ILE A 171 3.41 -15.94 14.90
N ARG A 172 2.56 -16.46 15.78
CA ARG A 172 2.17 -15.75 16.99
C ARG A 172 3.41 -15.47 17.86
N MET A 173 4.22 -16.50 18.07
CA MET A 173 5.47 -16.33 18.81
C MET A 173 6.36 -15.23 18.22
N THR A 174 6.37 -15.11 16.90
CA THR A 174 7.15 -14.10 16.21
C THR A 174 6.72 -12.68 16.58
N TYR A 175 5.41 -12.44 16.51
CA TYR A 175 4.87 -11.11 16.79
C TYR A 175 4.87 -10.73 18.27
N ILE A 176 4.85 -11.71 19.17
CA ILE A 176 5.10 -11.42 20.59
C ILE A 176 6.48 -10.79 20.71
N LYS A 177 7.48 -11.40 20.08
CA LYS A 177 8.84 -10.87 20.06
C LYS A 177 8.92 -9.51 19.36
N GLU A 178 8.14 -9.35 18.29
CA GLU A 178 8.17 -8.10 17.54
C GLU A 178 7.70 -6.93 18.38
N LEU A 179 6.63 -7.14 19.16
CA LEU A 179 6.13 -6.13 20.11
C LEU A 179 7.19 -5.80 21.15
N GLY A 180 7.94 -6.81 21.58
CA GLY A 180 9.01 -6.63 22.57
C GLY A 180 10.08 -5.67 22.08
N LYS A 181 10.38 -5.73 20.78
CA LYS A 181 11.29 -4.79 20.13
C LYS A 181 10.70 -3.38 20.06
N ALA A 182 9.42 -3.28 19.69
CA ALA A 182 8.73 -1.99 19.67
C ALA A 182 8.84 -1.29 21.02
N ILE A 183 8.69 -2.05 22.09
CA ILE A 183 8.74 -1.52 23.45
C ILE A 183 10.12 -0.96 23.78
N VAL A 184 11.16 -1.71 23.43
CA VAL A 184 12.54 -1.33 23.75
C VAL A 184 13.01 -0.15 22.89
N LYS A 185 12.67 -0.20 21.60
CA LYS A 185 13.05 0.83 20.63
C LYS A 185 12.44 2.21 20.97
N ARG A 186 11.47 2.21 21.88
CA ARG A 186 10.78 3.42 22.32
C ARG A 186 11.63 4.22 23.30
N GLN A 192 11.56 -0.74 33.26
CA GLN A 192 10.43 -0.15 32.53
C GLN A 192 10.00 -0.96 31.30
N ASN A 193 10.83 -1.92 30.89
CA ASN A 193 10.59 -2.79 29.72
C ASN A 193 9.47 -3.79 29.97
N TRP A 194 9.72 -4.70 30.91
CA TRP A 194 8.86 -5.84 31.15
C TRP A 194 7.54 -5.50 31.79
N GLN A 195 7.51 -4.38 32.49
CA GLN A 195 6.29 -3.86 33.08
C GLN A 195 5.38 -3.26 31.98
N ARG A 196 5.97 -2.60 31.00
CA ARG A 196 5.21 -2.06 29.87
C ARG A 196 4.71 -3.20 28.98
N PHE A 197 5.51 -4.26 28.88
CA PHE A 197 5.09 -5.45 28.18
C PHE A 197 3.84 -6.02 28.84
N TYR A 198 3.91 -6.21 30.15
CA TYR A 198 2.76 -6.63 30.94
C TYR A 198 1.57 -5.72 30.64
N GLN A 199 1.74 -4.42 30.86
CA GLN A 199 0.74 -3.41 30.54
C GLN A 199 0.09 -3.64 29.17
N LEU A 200 0.88 -3.61 28.10
CA LEU A 200 0.35 -3.75 26.73
C LEU A 200 -0.27 -5.11 26.43
N THR A 201 0.25 -6.18 27.03
CA THR A 201 -0.33 -7.49 26.78
C THR A 201 -1.59 -7.70 27.60
N LYS A 202 -1.68 -6.98 28.72
CA LYS A 202 -2.89 -6.96 29.54
C LYS A 202 -4.05 -6.28 28.79
N LEU A 203 -3.73 -5.21 28.05
CA LEU A 203 -4.69 -4.56 27.18
C LEU A 203 -5.19 -5.52 26.11
N LEU A 204 -4.27 -6.24 25.46
CA LEU A 204 -4.63 -7.27 24.50
C LEU A 204 -5.58 -8.29 25.11
N ASP A 205 -5.25 -8.78 26.31
CA ASP A 205 -6.08 -9.78 26.98
C ASP A 205 -7.47 -9.21 27.13
N SER A 206 -7.56 -7.94 27.50
CA SER A 206 -8.83 -7.32 27.85
C SER A 206 -9.69 -6.97 26.61
N MET A 207 -9.17 -7.26 25.43
CA MET A 207 -9.95 -7.07 24.21
C MET A 207 -11.04 -8.14 24.07
N HIS A 208 -10.80 -9.32 24.64
CA HIS A 208 -11.78 -10.39 24.60
C HIS A 208 -13.07 -9.94 25.26
N GLU A 209 -12.94 -9.18 26.34
CA GLU A 209 -14.10 -8.69 27.10
C GLU A 209 -14.83 -7.57 26.34
N VAL A 210 -14.06 -6.69 25.69
CA VAL A 210 -14.64 -5.64 24.87
C VAL A 210 -15.44 -6.28 23.74
N VAL A 211 -14.77 -7.14 22.97
CA VAL A 211 -15.34 -7.78 21.79
C VAL A 211 -16.59 -8.63 22.09
N GLU A 212 -16.60 -9.30 23.25
CA GLU A 212 -17.78 -10.03 23.70
C GLU A 212 -19.02 -9.12 23.74
N ASN A 213 -18.88 -7.96 24.38
CA ASN A 213 -19.96 -6.96 24.45
C ASN A 213 -20.40 -6.46 23.07
N LEU A 214 -19.44 -6.08 22.25
CA LEU A 214 -19.70 -5.56 20.91
C LEU A 214 -20.36 -6.61 20.02
N LEU A 215 -19.89 -7.85 20.11
CA LEU A 215 -20.48 -8.95 19.38
C LEU A 215 -21.85 -9.31 19.90
N ASN A 216 -22.04 -9.23 21.22
CA ASN A 216 -23.38 -9.49 21.79
C ASN A 216 -24.43 -8.58 21.18
N TYR A 217 -24.17 -7.27 21.15
CA TYR A 217 -25.14 -6.33 20.60
C TYR A 217 -25.29 -6.46 19.10
N CYS A 218 -24.18 -6.74 18.42
CA CYS A 218 -24.18 -6.94 16.98
C CYS A 218 -25.08 -8.11 16.58
N PHE A 219 -24.87 -9.27 17.19
CA PHE A 219 -25.67 -10.46 16.90
C PHE A 219 -27.15 -10.29 17.22
N GLN A 220 -27.43 -9.68 18.36
CA GLN A 220 -28.80 -9.45 18.84
C GLN A 220 -29.56 -8.55 17.87
N THR A 221 -28.89 -7.50 17.38
CA THR A 221 -29.45 -6.60 16.38
C THR A 221 -29.63 -7.32 15.05
N PHE A 222 -28.61 -8.06 14.64
CA PHE A 222 -28.67 -8.83 13.40
C PHE A 222 -29.86 -9.79 13.36
N LEU A 223 -30.15 -10.43 14.49
CA LEU A 223 -31.18 -11.44 14.54
C LEU A 223 -32.57 -10.87 14.82
N ASP A 224 -32.63 -9.59 15.24
CA ASP A 224 -33.90 -8.96 15.62
C ASP A 224 -34.81 -8.65 14.44
N LYS A 225 -36.04 -9.13 14.53
CA LYS A 225 -37.05 -8.93 13.51
C LYS A 225 -37.39 -7.44 13.40
N THR A 226 -38.06 -6.91 14.41
CA THR A 226 -38.50 -5.52 14.43
C THR A 226 -37.39 -4.54 14.85
N MET A 227 -36.32 -4.47 14.04
CA MET A 227 -35.26 -3.48 14.28
C MET A 227 -34.74 -2.82 13.00
N SER A 228 -35.00 -3.44 11.86
CA SER A 228 -34.78 -2.84 10.54
C SER A 228 -33.37 -2.27 10.25
N ILE A 229 -32.35 -2.72 10.98
CA ILE A 229 -30.99 -2.26 10.72
C ILE A 229 -30.27 -3.18 9.74
N GLU A 230 -29.84 -2.60 8.62
CA GLU A 230 -29.23 -3.35 7.52
C GLU A 230 -27.78 -3.74 7.78
N PHE A 231 -27.39 -4.88 7.20
CA PHE A 231 -26.01 -5.36 7.21
C PHE A 231 -25.57 -5.69 5.78
N PRO A 232 -24.33 -5.32 5.41
CA PRO A 232 -23.84 -5.72 4.09
C PRO A 232 -23.57 -7.23 4.06
N GLU A 233 -23.55 -7.83 2.88
CA GLU A 233 -23.35 -9.27 2.76
C GLU A 233 -22.04 -9.71 3.39
N MET A 234 -20.97 -8.95 3.14
CA MET A 234 -19.66 -9.28 3.66
C MET A 234 -19.70 -9.62 5.16
N LEU A 235 -20.41 -8.82 5.94
CA LEU A 235 -20.53 -9.04 7.38
C LEU A 235 -21.55 -10.10 7.73
N ALA A 236 -22.63 -10.16 6.95
CA ALA A 236 -23.75 -11.08 7.21
C ALA A 236 -23.34 -12.54 7.08
N GLU A 237 -22.45 -12.83 6.14
CA GLU A 237 -21.97 -14.20 5.96
C GLU A 237 -21.18 -14.63 7.19
N ILE A 238 -20.32 -13.72 7.68
CA ILE A 238 -19.48 -13.97 8.85
C ILE A 238 -20.29 -14.07 10.13
N ILE A 239 -21.23 -13.14 10.32
CA ILE A 239 -22.10 -13.18 11.49
C ILE A 239 -22.90 -14.49 11.55
N THR A 240 -23.35 -14.96 10.39
CA THR A 240 -24.06 -16.24 10.27
C THR A 240 -23.10 -17.39 10.51
N ASN A 241 -21.88 -17.24 10.01
CA ASN A 241 -20.85 -18.28 10.10
C ASN A 241 -20.27 -18.42 11.51
N GLN A 242 -20.60 -17.49 12.41
CA GLN A 242 -20.01 -17.43 13.75
C GLN A 242 -20.99 -17.66 14.91
N ILE A 243 -22.24 -17.21 14.74
CA ILE A 243 -23.24 -17.34 15.81
C ILE A 243 -23.35 -18.75 16.40
N PRO A 244 -23.35 -19.80 15.54
CA PRO A 244 -23.33 -21.16 16.08
C PRO A 244 -22.05 -21.45 16.88
N LYS A 245 -20.89 -21.07 16.34
CA LYS A 245 -19.61 -21.34 16.98
C LYS A 245 -19.47 -20.73 18.39
N TYR A 246 -19.87 -19.46 18.53
CA TYR A 246 -19.84 -18.76 19.83
C TYR A 246 -20.93 -19.23 20.81
N SER A 247 -22.08 -19.65 20.30
CA SER A 247 -23.16 -20.19 21.12
C SER A 247 -23.12 -21.72 21.21
N ASN A 248 -21.91 -22.26 21.12
CA ASN A 248 -21.66 -23.69 21.37
C ASN A 248 -20.37 -23.82 22.19
N GLY A 249 -19.41 -22.94 21.90
CA GLY A 249 -18.21 -22.80 22.72
C GLY A 249 -16.93 -23.33 22.12
N ASN A 250 -16.87 -23.40 20.78
CA ASN A 250 -15.67 -23.90 20.10
C ASN A 250 -14.53 -22.86 20.02
N ILE A 251 -14.73 -21.67 20.57
CA ILE A 251 -13.70 -20.62 20.54
C ILE A 251 -12.75 -20.73 21.74
N LYS A 252 -11.45 -20.60 21.50
CA LYS A 252 -10.45 -20.51 22.58
C LYS A 252 -9.75 -19.16 22.58
N LYS A 253 -9.90 -18.43 23.69
CA LYS A 253 -9.33 -17.09 23.81
C LYS A 253 -7.91 -17.19 24.33
N LEU A 254 -6.94 -16.85 23.50
CA LEU A 254 -5.53 -16.96 23.88
C LEU A 254 -5.16 -15.79 24.77
N LEU A 255 -4.78 -16.09 26.01
CA LEU A 255 -4.49 -15.07 27.00
C LEU A 255 -2.99 -14.99 27.32
N PHE A 256 -2.50 -13.78 27.51
CA PHE A 256 -1.12 -13.55 27.90
C PHE A 256 -0.94 -13.76 29.39
N HIS A 257 -2.04 -13.67 30.13
CA HIS A 257 -2.01 -13.78 31.58
C HIS A 257 -3.22 -14.58 32.01
N GLN A 258 -3.00 -15.57 32.86
CA GLN A 258 -4.06 -16.53 33.19
C GLN A 258 -4.93 -16.08 34.36
N ASN B 3 -18.96 -19.62 3.54
CA ASN B 3 -18.58 -18.23 3.10
C ASN B 3 -17.56 -18.21 1.94
N ALA B 4 -18.06 -18.17 0.72
CA ALA B 4 -17.20 -18.23 -0.47
C ALA B 4 -16.46 -16.92 -0.81
N LEU B 5 -17.05 -15.77 -0.48
CA LEU B 5 -16.49 -14.45 -0.83
C LEU B 5 -15.16 -14.18 -0.12
N LEU B 6 -15.15 -14.46 1.18
CA LEU B 6 -13.92 -14.42 1.96
C LEU B 6 -12.92 -15.41 1.37
N ARG B 7 -13.35 -16.65 1.13
CA ARG B 7 -12.50 -17.68 0.55
C ARG B 7 -11.87 -17.18 -0.74
N TYR B 8 -12.69 -16.48 -1.54
CA TYR B 8 -12.26 -15.88 -2.80
C TYR B 8 -11.27 -14.75 -2.62
N LEU B 9 -11.56 -13.84 -1.67
CA LEU B 9 -10.68 -12.71 -1.41
C LEU B 9 -9.33 -13.16 -0.82
N LEU B 10 -9.33 -14.34 -0.22
CA LEU B 10 -8.13 -14.89 0.38
C LEU B 10 -7.27 -15.64 -0.64
N ASP B 11 -7.84 -15.88 -1.82
CA ASP B 11 -7.20 -16.67 -2.85
C ASP B 11 -6.81 -15.82 -4.07
N LEU C 10 9.02 -16.36 7.48
CA LEU C 10 8.46 -15.24 8.30
C LEU C 10 9.26 -13.96 8.20
N THR C 11 10.55 -14.09 7.91
CA THR C 11 11.41 -12.92 7.72
C THR C 11 11.09 -12.28 6.38
N PRO C 12 10.77 -10.97 6.38
CA PRO C 12 10.42 -10.31 5.12
C PRO C 12 11.67 -10.01 4.27
N THR C 13 11.62 -10.36 2.98
CA THR C 13 12.70 -10.01 2.06
C THR C 13 12.50 -8.63 1.45
N LEU C 14 13.62 -8.02 1.04
CA LEU C 14 13.62 -6.75 0.36
C LEU C 14 12.71 -6.76 -0.87
N VAL C 15 12.56 -7.93 -1.52
CA VAL C 15 11.68 -8.05 -2.69
C VAL C 15 10.20 -8.10 -2.31
N SER C 16 9.89 -8.78 -1.20
CA SER C 16 8.50 -8.84 -0.75
C SER C 16 8.02 -7.44 -0.33
N LEU C 17 8.97 -6.59 0.05
CA LEU C 17 8.67 -5.23 0.48
C LEU C 17 8.42 -4.33 -0.71
N LEU C 18 9.17 -4.55 -1.79
CA LEU C 18 8.94 -3.82 -3.04
C LEU C 18 7.55 -4.14 -3.60
N GLU C 19 7.09 -5.37 -3.40
CA GLU C 19 5.76 -5.76 -3.87
C GLU C 19 4.67 -4.92 -3.22
N VAL C 20 4.77 -4.81 -1.89
CA VAL C 20 3.78 -4.12 -1.08
C VAL C 20 3.70 -2.63 -1.44
N ILE C 21 4.85 -1.99 -1.63
CA ILE C 21 4.90 -0.54 -1.85
C ILE C 21 4.59 -0.10 -3.29
N GLU C 22 4.44 -1.07 -4.19
CA GLU C 22 4.07 -0.80 -5.59
C GLU C 22 2.73 -0.08 -5.65
N PRO C 23 2.68 1.12 -6.24
CA PRO C 23 1.47 1.94 -6.15
C PRO C 23 0.32 1.39 -6.98
N GLU C 24 -0.90 1.82 -6.65
CA GLU C 24 -2.09 1.50 -7.47
C GLU C 24 -1.94 2.08 -8.88
N VAL C 25 -2.50 1.39 -9.87
CA VAL C 25 -2.49 1.89 -11.25
C VAL C 25 -3.58 2.99 -11.39
N LEU C 26 -3.18 4.15 -11.93
CA LEU C 26 -4.04 5.33 -11.99
C LEU C 26 -4.77 5.48 -13.32
N TYR C 27 -6.03 5.90 -13.24
CA TYR C 27 -6.85 6.12 -14.42
C TYR C 27 -6.53 7.46 -15.05
N ALA C 28 -6.73 7.56 -16.37
CA ALA C 28 -6.36 8.75 -17.12
C ALA C 28 -7.45 9.83 -17.14
N GLY C 29 -8.69 9.43 -16.87
CA GLY C 29 -9.83 10.34 -16.96
C GLY C 29 -10.08 10.81 -18.38
N TYR C 30 -9.82 9.92 -19.34
CA TYR C 30 -10.02 10.21 -20.75
C TYR C 30 -11.48 10.03 -21.12
N ASP C 31 -12.08 11.07 -21.70
CA ASP C 31 -13.45 11.00 -22.17
C ASP C 31 -13.53 10.14 -23.41
N SER C 32 -14.26 9.03 -23.33
CA SER C 32 -14.37 8.06 -24.40
C SER C 32 -15.52 8.35 -25.39
N SER C 33 -16.10 9.55 -25.28
CA SER C 33 -17.22 9.94 -26.14
C SER C 33 -16.90 11.18 -27.01
N VAL C 34 -15.63 11.56 -27.05
CA VAL C 34 -15.18 12.69 -27.85
C VAL C 34 -14.06 12.19 -28.76
N PRO C 35 -14.10 12.58 -30.06
CA PRO C 35 -13.09 12.15 -31.02
C PRO C 35 -11.67 12.30 -30.49
N ASP C 36 -10.83 11.32 -30.77
CA ASP C 36 -9.44 11.37 -30.39
C ASP C 36 -8.65 12.34 -31.26
N SER C 37 -7.59 12.90 -30.70
CA SER C 37 -6.62 13.67 -31.46
C SER C 37 -5.29 13.56 -30.72
N THR C 38 -4.20 13.92 -31.39
CA THR C 38 -2.87 13.77 -30.81
C THR C 38 -2.63 14.84 -29.74
N TRP C 39 -3.24 16.02 -29.93
CA TRP C 39 -3.24 17.06 -28.89
C TRP C 39 -3.91 16.55 -27.61
N ARG C 40 -5.13 16.06 -27.75
CA ARG C 40 -5.93 15.61 -26.61
C ARG C 40 -5.29 14.47 -25.83
N ILE C 41 -4.69 13.52 -26.55
CA ILE C 41 -4.05 12.38 -25.91
C ILE C 41 -2.81 12.80 -25.13
N MET C 42 -1.90 13.52 -25.79
CA MET C 42 -0.69 14.03 -25.16
C MET C 42 -0.97 14.83 -23.91
N THR C 43 -1.84 15.82 -24.04
CA THR C 43 -2.23 16.68 -22.92
C THR C 43 -2.76 15.84 -21.76
N THR C 44 -3.63 14.87 -22.05
CA THR C 44 -4.18 14.00 -21.02
C THR C 44 -3.08 13.20 -20.37
N LEU C 45 -2.14 12.72 -21.18
CA LEU C 45 -1.04 11.89 -20.68
C LEU C 45 -0.07 12.66 -19.80
N ASN C 46 0.21 13.91 -20.17
CA ASN C 46 1.01 14.79 -19.32
C ASN C 46 0.36 14.92 -17.94
N MET C 47 -0.95 15.20 -17.92
CA MET C 47 -1.70 15.31 -16.68
C MET C 47 -1.58 14.02 -15.87
N LEU C 48 -1.75 12.89 -16.52
CA LEU C 48 -1.58 11.60 -15.89
C LEU C 48 -0.14 11.48 -15.34
N GLY C 49 0.82 11.80 -16.19
CA GLY C 49 2.24 11.78 -15.85
C GLY C 49 2.54 12.48 -14.54
N GLY C 50 1.92 13.64 -14.34
CA GLY C 50 2.06 14.41 -13.11
C GLY C 50 1.61 13.63 -11.87
N ARG C 51 0.47 12.95 -11.98
CA ARG C 51 -0.08 12.19 -10.86
C ARG C 51 0.75 10.94 -10.61
N GLN C 52 1.31 10.39 -11.69
CA GLN C 52 2.18 9.24 -11.59
C GLN C 52 3.49 9.59 -10.90
N VAL C 53 3.98 10.81 -11.15
CA VAL C 53 5.19 11.29 -10.49
C VAL C 53 4.95 11.41 -8.99
N ILE C 54 3.83 12.03 -8.61
CA ILE C 54 3.42 12.13 -7.21
C ILE C 54 3.42 10.75 -6.53
N ALA C 55 2.86 9.76 -7.22
CA ALA C 55 2.85 8.39 -6.74
C ALA C 55 4.28 7.87 -6.53
N ALA C 56 5.14 8.08 -7.54
CA ALA C 56 6.52 7.57 -7.51
C ALA C 56 7.32 8.08 -6.30
N VAL C 57 6.99 9.29 -5.84
CA VAL C 57 7.62 9.90 -4.67
C VAL C 57 7.21 9.12 -3.44
N LYS C 58 5.91 8.89 -3.30
CA LYS C 58 5.37 8.09 -2.19
C LYS C 58 5.97 6.67 -2.23
N TRP C 59 6.35 6.23 -3.43
CA TRP C 59 6.91 4.91 -3.61
C TRP C 59 8.38 4.89 -3.20
N ALA C 60 9.14 5.86 -3.70
CA ALA C 60 10.57 5.95 -3.41
C ALA C 60 10.83 6.06 -1.91
N LYS C 61 10.06 6.93 -1.25
CA LYS C 61 10.13 7.14 0.20
C LYS C 61 10.01 5.85 1.00
N ALA C 62 9.37 4.84 0.41
CA ALA C 62 9.16 3.55 1.07
C ALA C 62 10.22 2.49 0.72
N ILE C 63 11.00 2.74 -0.33
CA ILE C 63 12.13 1.87 -0.65
C ILE C 63 13.15 1.94 0.50
N PRO C 64 13.50 0.77 1.09
CA PRO C 64 14.41 0.77 2.23
C PRO C 64 15.74 1.37 1.83
N GLY C 65 16.24 2.27 2.68
CA GLY C 65 17.46 3.01 2.41
C GLY C 65 17.24 4.40 1.85
N PHE C 66 16.38 4.51 0.84
CA PHE C 66 16.18 5.76 0.12
C PHE C 66 15.96 6.98 1.03
N ARG C 67 15.04 6.86 1.99
CA ARG C 67 14.75 7.96 2.92
C ARG C 67 15.94 8.34 3.82
N ASN C 68 16.96 7.49 3.82
CA ASN C 68 18.19 7.73 4.61
C ASN C 68 19.26 8.52 3.88
N LEU C 69 19.08 8.74 2.58
CA LEU C 69 19.93 9.62 1.81
C LEU C 69 19.75 11.09 2.25
N HIS C 70 20.66 11.97 1.85
CA HIS C 70 20.45 13.40 2.05
C HIS C 70 19.30 13.86 1.16
N LEU C 71 18.50 14.80 1.67
CA LEU C 71 17.27 15.23 1.02
C LEU C 71 17.49 15.76 -0.39
N ASP C 72 18.59 16.48 -0.60
CA ASP C 72 18.95 16.98 -1.93
C ASP C 72 19.20 15.83 -2.90
N ASP C 73 19.85 14.77 -2.41
CA ASP C 73 20.08 13.56 -3.18
C ASP C 73 18.78 12.85 -3.54
N GLN C 74 17.87 12.75 -2.56
CA GLN C 74 16.56 12.17 -2.78
C GLN C 74 15.86 12.90 -3.92
N MET C 75 15.95 14.23 -3.89
CA MET C 75 15.37 15.07 -4.94
C MET C 75 16.01 14.87 -6.31
N THR C 76 17.34 14.98 -6.36
CA THR C 76 18.09 14.77 -7.60
C THR C 76 17.67 13.48 -8.30
N LEU C 77 17.69 12.37 -7.57
CA LEU C 77 17.41 11.06 -8.16
C LEU C 77 16.00 10.99 -8.78
N LEU C 78 15.03 11.63 -8.12
CA LEU C 78 13.69 11.66 -8.67
C LEU C 78 13.62 12.51 -9.91
N GLN C 79 14.31 13.65 -9.89
CA GLN C 79 14.34 14.54 -11.05
C GLN C 79 15.04 13.92 -12.26
N TYR C 80 16.06 13.10 -11.98
CA TYR C 80 16.82 12.45 -13.04
C TYR C 80 16.07 11.24 -13.63
N SER C 81 15.34 10.52 -12.78
CA SER C 81 14.88 9.20 -13.19
C SER C 81 13.38 9.06 -13.46
N TRP C 82 12.60 10.12 -13.25
CA TRP C 82 11.14 10.01 -13.37
C TRP C 82 10.71 9.40 -14.70
N MET C 83 11.35 9.82 -15.80
CA MET C 83 11.03 9.27 -17.11
C MET C 83 11.38 7.78 -17.23
N TYR C 84 12.51 7.37 -16.65
CA TYR C 84 12.86 5.94 -16.59
C TYR C 84 11.75 5.15 -15.91
N LEU C 85 11.29 5.65 -14.76
CA LEU C 85 10.27 5.00 -13.95
C LEU C 85 8.92 4.95 -14.64
N MET C 86 8.58 6.03 -15.34
CA MET C 86 7.32 6.12 -16.07
C MET C 86 7.35 5.20 -17.29
N ALA C 87 8.40 5.32 -18.09
CA ALA C 87 8.54 4.51 -19.32
C ALA C 87 8.57 3.01 -19.02
N PHE C 88 9.27 2.62 -17.96
CA PHE C 88 9.44 1.21 -17.60
C PHE C 88 8.15 0.59 -17.05
N ALA C 89 7.44 1.34 -16.20
CA ALA C 89 6.13 0.92 -15.70
C ALA C 89 5.15 0.78 -16.85
N LEU C 90 5.20 1.73 -17.78
CA LEU C 90 4.41 1.70 -18.99
C LEU C 90 4.70 0.43 -19.80
N GLY C 91 5.98 0.11 -20.00
CA GLY C 91 6.37 -1.13 -20.67
C GLY C 91 5.71 -2.32 -20.00
N TRP C 92 5.85 -2.39 -18.67
CA TRP C 92 5.27 -3.49 -17.90
C TRP C 92 3.75 -3.58 -18.07
N ARG C 93 3.04 -2.46 -17.90
CA ARG C 93 1.58 -2.46 -18.05
C ARG C 93 1.14 -2.94 -19.44
N SER C 94 1.87 -2.52 -20.47
CA SER C 94 1.57 -2.89 -21.85
C SER C 94 1.88 -4.36 -22.08
N TYR C 95 3.02 -4.80 -21.53
CA TYR C 95 3.48 -6.18 -21.62
C TYR C 95 2.45 -7.13 -21.03
N ARG C 96 1.87 -6.74 -19.91
CA ARG C 96 0.91 -7.59 -19.22
C ARG C 96 -0.50 -7.61 -19.84
N GLN C 97 -0.78 -6.73 -20.82
CA GLN C 97 -2.12 -6.60 -21.45
C GLN C 97 -2.72 -7.93 -21.91
N ASN C 101 0.92 -6.05 -27.78
CA ASN C 101 1.09 -5.25 -29.01
C ASN C 101 0.70 -3.77 -28.77
N LEU C 102 0.01 -3.50 -27.67
CA LEU C 102 -0.54 -2.17 -27.39
C LEU C 102 0.22 -1.42 -26.30
N LEU C 103 -0.25 -0.23 -25.92
CA LEU C 103 0.37 0.57 -24.86
C LEU C 103 -0.63 0.91 -23.77
N CYS C 104 -0.46 0.34 -22.59
CA CYS C 104 -1.42 0.59 -21.49
C CYS C 104 -1.01 1.74 -20.60
N PHE C 105 -1.29 2.95 -21.04
CA PHE C 105 -1.04 4.11 -20.22
C PHE C 105 -1.95 4.04 -18.99
N ALA C 106 -3.19 3.63 -19.22
CA ALA C 106 -4.17 3.41 -18.14
C ALA C 106 -5.26 2.45 -18.60
N PRO C 107 -6.00 1.84 -17.64
CA PRO C 107 -7.16 1.00 -17.96
C PRO C 107 -8.26 1.73 -18.72
N ASP C 108 -8.19 3.06 -18.76
CA ASP C 108 -9.14 3.87 -19.52
C ASP C 108 -8.51 4.60 -20.72
N LEU C 109 -7.20 4.42 -20.90
CA LEU C 109 -6.51 4.95 -22.08
C LEU C 109 -5.47 3.95 -22.57
N ILE C 110 -5.95 2.99 -23.36
CA ILE C 110 -5.11 2.03 -24.04
C ILE C 110 -4.98 2.47 -25.50
N ILE C 111 -3.74 2.67 -25.95
CA ILE C 111 -3.50 2.98 -27.35
C ILE C 111 -3.60 1.68 -28.13
N ASN C 112 -4.74 1.52 -28.79
CA ASN C 112 -5.01 0.38 -29.64
C ASN C 112 -4.39 0.57 -31.03
N GLU C 113 -4.67 -0.35 -31.94
CA GLU C 113 -4.20 -0.23 -33.33
C GLU C 113 -4.79 1.00 -33.99
N GLN C 114 -6.03 1.33 -33.61
CA GLN C 114 -6.75 2.45 -34.19
C GLN C 114 -6.10 3.80 -33.85
N ARG C 115 -5.90 4.05 -32.55
CA ARG C 115 -5.33 5.32 -32.08
C ARG C 115 -3.88 5.51 -32.53
N MET C 116 -3.19 4.38 -32.72
CA MET C 116 -1.79 4.35 -33.14
C MET C 116 -1.51 5.10 -34.46
N THR C 117 -2.50 5.08 -35.34
CA THR C 117 -2.35 5.60 -36.69
C THR C 117 -2.55 7.12 -36.80
N LEU C 118 -2.87 7.76 -35.67
CA LEU C 118 -3.08 9.22 -35.60
C LEU C 118 -1.78 10.01 -35.84
N PRO C 119 -1.89 11.26 -36.33
CA PRO C 119 -0.72 12.09 -36.73
C PRO C 119 0.33 12.24 -35.64
N GLY C 120 1.57 11.88 -35.95
CA GLY C 120 2.69 12.00 -35.00
C GLY C 120 2.65 11.03 -33.84
N MET C 121 1.63 10.18 -33.80
CA MET C 121 1.40 9.26 -32.68
C MET C 121 2.46 8.16 -32.58
N TYR C 122 2.54 7.28 -33.58
CA TYR C 122 3.51 6.17 -33.58
C TYR C 122 4.96 6.64 -33.51
N ASP C 123 5.19 7.86 -33.98
CA ASP C 123 6.52 8.46 -34.02
C ASP C 123 7.24 8.43 -32.67
N GLN C 124 6.50 8.70 -31.60
CA GLN C 124 7.00 8.64 -30.24
C GLN C 124 6.76 7.27 -29.65
N CYS C 125 5.53 6.78 -29.83
CA CYS C 125 5.09 5.52 -29.24
C CYS C 125 5.96 4.31 -29.58
N LYS C 126 6.71 4.38 -30.68
CA LYS C 126 7.65 3.32 -31.03
C LYS C 126 8.72 3.10 -29.94
N HIS C 127 9.10 4.17 -29.24
CA HIS C 127 10.11 4.10 -28.19
C HIS C 127 9.58 3.44 -26.92
N MET C 128 8.30 3.66 -26.65
CA MET C 128 7.70 3.07 -25.47
C MET C 128 7.28 1.64 -25.77
N LEU C 129 6.96 1.36 -27.04
CA LEU C 129 6.71 0.00 -27.48
C LEU C 129 7.97 -0.86 -27.35
N TYR C 130 9.13 -0.30 -27.66
CA TYR C 130 10.40 -1.01 -27.54
C TYR C 130 10.61 -1.64 -26.15
N VAL C 131 10.35 -0.86 -25.11
CA VAL C 131 10.51 -1.31 -23.74
C VAL C 131 9.57 -2.49 -23.52
N SER C 132 8.32 -2.29 -23.94
CA SER C 132 7.27 -3.28 -23.78
C SER C 132 7.57 -4.62 -24.47
N SER C 133 8.28 -4.58 -25.59
CA SER C 133 8.58 -5.78 -26.37
C SER C 133 9.79 -6.50 -25.82
N GLU C 134 10.71 -5.73 -25.21
CA GLU C 134 11.91 -6.29 -24.59
C GLU C 134 11.54 -7.11 -23.37
N LEU C 135 10.58 -6.62 -22.59
CA LEU C 135 10.08 -7.33 -21.42
C LEU C 135 9.38 -8.62 -21.83
N HIS C 136 8.58 -8.55 -22.90
CA HIS C 136 7.97 -9.75 -23.47
C HIS C 136 9.05 -10.69 -23.96
N ARG C 137 10.01 -10.16 -24.74
CA ARG C 137 11.04 -11.00 -25.36
C ARG C 137 11.81 -11.77 -24.32
N LEU C 138 12.28 -11.06 -23.31
CA LEU C 138 13.03 -11.68 -22.24
C LEU C 138 12.14 -12.39 -21.23
N GLN C 139 10.83 -12.22 -21.39
CA GLN C 139 9.81 -12.83 -20.51
C GLN C 139 10.13 -12.60 -19.03
N VAL C 140 10.13 -11.33 -18.65
CA VAL C 140 10.52 -10.87 -17.33
C VAL C 140 9.45 -11.20 -16.28
N SER C 141 9.85 -11.80 -15.17
CA SER C 141 8.93 -12.03 -14.06
C SER C 141 8.71 -10.75 -13.26
N TYR C 142 7.64 -10.71 -12.49
CA TYR C 142 7.24 -9.55 -11.68
C TYR C 142 8.34 -9.09 -10.72
N GLU C 143 8.96 -10.05 -10.05
CA GLU C 143 9.97 -9.75 -9.02
C GLU C 143 11.24 -9.18 -9.61
N GLU C 144 11.53 -9.56 -10.85
CA GLU C 144 12.62 -8.96 -11.60
C GLU C 144 12.24 -7.52 -11.93
N TYR C 145 11.03 -7.34 -12.47
CA TYR C 145 10.51 -6.02 -12.81
C TYR C 145 10.68 -5.06 -11.63
N LEU C 146 10.27 -5.53 -10.45
CA LEU C 146 10.33 -4.69 -9.25
C LEU C 146 11.75 -4.29 -8.86
N CYS C 147 12.71 -5.20 -9.04
CA CYS C 147 14.10 -4.89 -8.77
C CYS C 147 14.70 -3.95 -9.83
N MET C 148 14.37 -4.26 -11.09
CA MET C 148 14.80 -3.44 -12.22
C MET C 148 14.27 -2.02 -12.07
N LYS C 149 12.98 -1.88 -11.77
CA LYS C 149 12.41 -0.55 -11.58
C LYS C 149 13.12 0.22 -10.46
N THR C 150 13.53 -0.47 -9.41
CA THR C 150 14.22 0.17 -8.30
C THR C 150 15.61 0.63 -8.71
N LEU C 151 16.25 -0.14 -9.60
CA LEU C 151 17.55 0.21 -10.11
C LEU C 151 17.45 1.42 -11.01
N LEU C 152 16.28 1.63 -11.61
CA LEU C 152 16.11 2.73 -12.56
C LEU C 152 16.08 4.07 -11.82
N LEU C 153 15.56 4.03 -10.59
CA LEU C 153 15.58 5.19 -9.69
C LEU C 153 17.03 5.57 -9.38
N LEU C 154 17.92 4.59 -9.52
CA LEU C 154 19.33 4.74 -9.15
C LEU C 154 20.27 4.71 -10.37
N SER C 155 19.80 5.20 -11.51
CA SER C 155 20.54 4.99 -12.77
C SER C 155 21.27 6.22 -13.32
N SER C 156 20.99 7.40 -12.78
CA SER C 156 21.77 8.60 -13.11
C SER C 156 22.11 9.37 -11.85
N VAL C 157 23.31 9.93 -11.81
CA VAL C 157 23.70 10.82 -10.71
C VAL C 157 24.35 12.08 -11.29
N PRO C 158 24.44 13.16 -10.48
CA PRO C 158 25.20 14.30 -10.98
C PRO C 158 26.65 13.88 -11.23
N LYS C 159 27.23 14.33 -12.34
CA LYS C 159 28.60 14.01 -12.70
C LYS C 159 29.51 14.28 -11.50
N ASP C 160 29.28 15.40 -10.82
CA ASP C 160 30.02 15.79 -9.62
C ASP C 160 29.86 14.82 -8.44
N GLY C 161 28.89 13.91 -8.52
CA GLY C 161 28.59 12.99 -7.44
C GLY C 161 27.41 13.44 -6.61
N LEU C 162 26.82 12.52 -5.84
CA LEU C 162 25.79 12.87 -4.85
C LEU C 162 26.46 13.26 -3.55
N LYS C 163 25.68 13.78 -2.60
CA LYS C 163 26.19 14.16 -1.29
C LYS C 163 26.43 12.91 -0.43
N SER C 164 25.45 12.03 -0.39
CA SER C 164 25.55 10.75 0.31
C SER C 164 25.98 9.65 -0.66
N GLN C 165 27.00 9.95 -1.46
CA GLN C 165 27.50 9.01 -2.48
C GLN C 165 27.81 7.61 -1.92
N GLU C 166 28.48 7.58 -0.77
CA GLU C 166 28.83 6.34 -0.07
C GLU C 166 27.62 5.42 0.15
N LEU C 167 26.56 5.97 0.75
CA LEU C 167 25.33 5.23 1.02
C LEU C 167 24.58 4.82 -0.27
N PHE C 168 24.52 5.74 -1.22
CA PHE C 168 23.87 5.48 -2.50
C PHE C 168 24.47 4.23 -3.14
N ASP C 169 25.81 4.20 -3.14
CA ASP C 169 26.59 3.08 -3.67
C ASP C 169 26.17 1.76 -3.02
N GLU C 170 26.02 1.77 -1.69
CA GLU C 170 25.55 0.59 -0.97
C GLU C 170 24.12 0.20 -1.37
N ILE C 171 23.23 1.19 -1.47
CA ILE C 171 21.85 0.94 -1.88
C ILE C 171 21.80 0.31 -3.29
N ARG C 172 22.50 0.91 -4.25
CA ARG C 172 22.52 0.37 -5.60
C ARG C 172 23.02 -1.07 -5.62
N MET C 173 24.15 -1.31 -4.96
CA MET C 173 24.73 -2.66 -4.90
C MET C 173 23.78 -3.70 -4.29
N THR C 174 22.97 -3.26 -3.32
CA THR C 174 21.99 -4.13 -2.69
C THR C 174 20.93 -4.57 -3.68
N TYR C 175 20.35 -3.61 -4.39
CA TYR C 175 19.36 -3.94 -5.42
C TYR C 175 19.92 -4.67 -6.65
N ILE C 176 21.21 -4.53 -6.94
CA ILE C 176 21.82 -5.40 -7.95
C ILE C 176 21.78 -6.85 -7.45
N LYS C 177 22.27 -7.07 -6.24
CA LYS C 177 22.21 -8.39 -5.61
C LYS C 177 20.79 -8.91 -5.56
N GLU C 178 19.85 -8.01 -5.29
CA GLU C 178 18.44 -8.34 -5.19
C GLU C 178 17.89 -8.82 -6.52
N LEU C 179 18.16 -8.07 -7.58
CA LEU C 179 17.86 -8.52 -8.93
C LEU C 179 18.45 -9.91 -9.15
N GLY C 180 19.74 -10.06 -8.82
CA GLY C 180 20.42 -11.35 -8.91
C GLY C 180 19.65 -12.45 -8.22
N LYS C 181 19.19 -12.21 -6.99
CA LYS C 181 18.40 -13.18 -6.24
C LYS C 181 17.10 -13.57 -6.93
N ALA C 182 16.41 -12.57 -7.47
CA ALA C 182 15.15 -12.78 -8.17
C ALA C 182 15.33 -13.69 -9.36
N ILE C 183 16.46 -13.54 -10.05
CA ILE C 183 16.80 -14.42 -11.17
C ILE C 183 16.94 -15.87 -10.71
N VAL C 184 17.64 -16.08 -9.59
CA VAL C 184 17.88 -17.42 -9.03
C VAL C 184 16.56 -18.10 -8.67
N LYS C 185 15.69 -17.37 -7.98
CA LYS C 185 14.39 -17.86 -7.53
C LYS C 185 13.36 -17.99 -8.67
N ARG C 186 13.75 -17.65 -9.89
CA ARG C 186 12.87 -17.75 -11.06
C ARG C 186 12.62 -19.21 -11.46
N GLN C 192 22.05 -20.76 -17.17
CA GLN C 192 21.20 -19.71 -17.73
C GLN C 192 21.00 -18.51 -16.78
N ASN C 193 21.53 -18.60 -15.56
CA ASN C 193 21.36 -17.54 -14.56
C ASN C 193 22.21 -16.31 -14.76
N TRP C 194 23.50 -16.50 -15.02
CA TRP C 194 24.38 -15.37 -15.33
C TRP C 194 24.05 -14.74 -16.68
N GLN C 195 23.74 -15.58 -17.66
CA GLN C 195 23.30 -15.09 -18.95
C GLN C 195 22.06 -14.20 -18.81
N ARG C 196 21.11 -14.62 -17.98
CA ARG C 196 19.91 -13.82 -17.78
C ARG C 196 20.25 -12.55 -17.03
N PHE C 197 21.15 -12.66 -16.05
CA PHE C 197 21.58 -11.47 -15.33
C PHE C 197 22.18 -10.46 -16.31
N TYR C 198 23.01 -10.95 -17.23
CA TYR C 198 23.58 -10.11 -18.27
C TYR C 198 22.51 -9.46 -19.15
N GLN C 199 21.57 -10.26 -19.63
CA GLN C 199 20.49 -9.79 -20.47
C GLN C 199 19.63 -8.71 -19.83
N LEU C 200 19.29 -8.88 -18.55
CA LEU C 200 18.40 -7.92 -17.89
C LEU C 200 19.10 -6.62 -17.53
N THR C 201 20.41 -6.69 -17.26
CA THR C 201 21.18 -5.49 -17.00
C THR C 201 21.43 -4.78 -18.32
N LYS C 202 21.61 -5.57 -19.38
CA LYS C 202 21.75 -5.03 -20.71
C LYS C 202 20.48 -4.23 -21.11
N LEU C 203 19.32 -4.69 -20.67
CA LEU C 203 18.07 -3.97 -20.92
C LEU C 203 18.05 -2.67 -20.14
N LEU C 204 18.33 -2.73 -18.84
CA LEU C 204 18.44 -1.54 -18.01
C LEU C 204 19.36 -0.51 -18.69
N ASP C 205 20.50 -0.96 -19.20
CA ASP C 205 21.40 -0.05 -19.88
C ASP C 205 20.72 0.69 -21.03
N SER C 206 19.90 -0.04 -21.79
CA SER C 206 19.29 0.50 -22.98
C SER C 206 18.13 1.46 -22.67
N MET C 207 17.73 1.50 -21.40
CA MET C 207 16.72 2.47 -20.96
C MET C 207 17.22 3.91 -21.09
N HIS C 208 18.53 4.11 -20.97
CA HIS C 208 19.10 5.43 -21.17
C HIS C 208 18.75 5.97 -22.54
N GLU C 209 18.98 5.17 -23.57
CA GLU C 209 18.67 5.56 -24.95
C GLU C 209 17.18 5.88 -25.13
N VAL C 210 16.32 5.00 -24.60
CA VAL C 210 14.87 5.19 -24.67
C VAL C 210 14.47 6.54 -24.06
N VAL C 211 14.96 6.80 -22.84
CA VAL C 211 14.62 8.00 -22.09
C VAL C 211 15.11 9.28 -22.75
N GLU C 212 16.31 9.23 -23.34
CA GLU C 212 16.88 10.37 -24.07
C GLU C 212 15.93 10.80 -25.20
N ASN C 213 15.46 9.83 -25.97
CA ASN C 213 14.49 10.06 -27.03
C ASN C 213 13.19 10.70 -26.52
N LEU C 214 12.62 10.09 -25.47
CA LEU C 214 11.36 10.54 -24.90
C LEU C 214 11.47 11.92 -24.29
N LEU C 215 12.60 12.20 -23.62
CA LEU C 215 12.82 13.50 -23.03
C LEU C 215 13.06 14.58 -24.07
N ASN C 216 13.72 14.22 -25.18
CA ASN C 216 13.96 15.20 -26.24
C ASN C 216 12.68 15.83 -26.77
N TYR C 217 11.70 14.98 -27.10
CA TYR C 217 10.40 15.46 -27.60
C TYR C 217 9.58 16.13 -26.51
N CYS C 218 9.72 15.62 -25.29
CA CYS C 218 9.05 16.18 -24.13
C CYS C 218 9.51 17.61 -23.87
N PHE C 219 10.83 17.82 -23.86
CA PHE C 219 11.40 19.16 -23.64
C PHE C 219 11.12 20.06 -24.83
N GLN C 220 11.24 19.50 -26.03
CA GLN C 220 11.01 20.24 -27.26
C GLN C 220 9.58 20.79 -27.32
N THR C 221 8.62 19.98 -26.89
CA THR C 221 7.22 20.38 -26.86
C THR C 221 7.00 21.45 -25.80
N PHE C 222 7.49 21.19 -24.60
CA PHE C 222 7.41 22.13 -23.49
C PHE C 222 7.87 23.53 -23.88
N LEU C 223 8.99 23.59 -24.61
CA LEU C 223 9.59 24.87 -25.00
C LEU C 223 8.93 25.53 -26.20
N ASP C 224 8.24 24.74 -27.03
CA ASP C 224 7.55 25.26 -28.22
C ASP C 224 6.30 26.06 -27.84
N LYS C 225 6.25 27.29 -28.35
CA LYS C 225 5.12 28.19 -28.09
C LYS C 225 3.93 27.88 -28.97
N THR C 226 4.19 27.46 -30.22
CA THR C 226 3.15 27.22 -31.23
C THR C 226 2.26 25.99 -30.97
N MET C 227 2.72 25.07 -30.12
CA MET C 227 1.90 23.93 -29.71
C MET C 227 1.17 24.24 -28.41
N SER C 228 -0.15 24.04 -28.41
CA SER C 228 -0.97 24.27 -27.24
C SER C 228 -1.09 23.01 -26.36
N ILE C 229 0.04 22.35 -26.11
CA ILE C 229 0.10 21.15 -25.27
C ILE C 229 0.35 21.54 -23.81
N GLU C 230 -0.60 21.21 -22.93
CA GLU C 230 -0.51 21.59 -21.53
C GLU C 230 0.21 20.56 -20.66
N PHE C 231 1.00 21.05 -19.72
CA PHE C 231 1.72 20.25 -18.76
C PHE C 231 1.28 20.60 -17.34
N PRO C 232 1.08 19.60 -16.48
CA PRO C 232 0.77 19.92 -15.08
C PRO C 232 2.00 20.45 -14.35
N GLU C 233 1.79 21.31 -13.35
CA GLU C 233 2.89 21.96 -12.62
C GLU C 233 3.90 20.99 -11.99
N MET C 234 3.43 19.85 -11.50
CA MET C 234 4.34 18.84 -10.95
C MET C 234 5.44 18.51 -11.96
N LEU C 235 5.04 18.32 -13.22
CA LEU C 235 5.98 18.03 -14.31
C LEU C 235 6.77 19.24 -14.78
N ALA C 236 6.10 20.39 -14.85
CA ALA C 236 6.69 21.62 -15.35
C ALA C 236 7.87 22.09 -14.51
N GLU C 237 7.78 21.87 -13.19
CA GLU C 237 8.85 22.23 -12.28
C GLU C 237 10.06 21.33 -12.47
N ILE C 238 9.82 20.02 -12.58
CA ILE C 238 10.88 19.06 -12.84
C ILE C 238 11.54 19.39 -14.16
N ILE C 239 10.74 19.51 -15.22
CA ILE C 239 11.26 19.80 -16.55
C ILE C 239 12.10 21.08 -16.57
N THR C 240 11.57 22.16 -15.97
CA THR C 240 12.33 23.42 -15.83
C THR C 240 13.67 23.20 -15.11
N ASN C 241 13.64 22.50 -13.98
CA ASN C 241 14.86 22.25 -13.20
C ASN C 241 15.88 21.39 -13.94
N GLN C 242 15.43 20.56 -14.85
CA GLN C 242 16.29 19.57 -15.49
C GLN C 242 16.84 19.98 -16.86
N ILE C 243 16.20 20.95 -17.50
CA ILE C 243 16.68 21.48 -18.79
C ILE C 243 18.18 21.81 -18.80
N PRO C 244 18.65 22.64 -17.83
CA PRO C 244 20.05 23.06 -17.84
C PRO C 244 21.04 21.90 -17.68
N LYS C 245 20.66 20.88 -16.92
CA LYS C 245 21.56 19.79 -16.60
C LYS C 245 21.84 18.85 -17.79
N TYR C 246 20.98 18.88 -18.80
CA TYR C 246 21.27 18.29 -20.12
C TYR C 246 21.97 19.30 -21.04
N SER C 247 21.87 20.59 -20.71
CA SER C 247 22.53 21.64 -21.47
C SER C 247 23.97 21.87 -21.02
N ASN C 248 24.24 21.60 -19.75
CA ASN C 248 25.57 21.73 -19.18
C ASN C 248 26.20 20.34 -19.03
N GLY C 249 25.41 19.31 -19.29
CA GLY C 249 25.87 17.91 -19.26
C GLY C 249 26.34 17.41 -17.91
N ASN C 250 25.69 17.86 -16.84
CA ASN C 250 26.08 17.49 -15.49
C ASN C 250 25.49 16.16 -15.04
N ILE C 251 25.08 15.31 -15.98
CA ILE C 251 24.50 14.00 -15.65
C ILE C 251 25.43 12.84 -16.01
N LYS C 252 25.66 11.95 -15.05
CA LYS C 252 26.43 10.74 -15.29
C LYS C 252 25.49 9.54 -15.36
N LYS C 253 25.48 8.87 -16.51
CA LYS C 253 24.64 7.70 -16.68
C LYS C 253 25.40 6.47 -16.19
N LEU C 254 24.87 5.82 -15.15
CA LEU C 254 25.49 4.61 -14.61
C LEU C 254 25.15 3.43 -15.50
N LEU C 255 26.18 2.70 -15.94
CA LEU C 255 25.98 1.59 -16.87
C LEU C 255 26.50 0.29 -16.28
N PHE C 256 25.88 -0.82 -16.64
CA PHE C 256 26.38 -2.13 -16.21
C PHE C 256 27.43 -2.67 -17.17
N HIS C 257 27.34 -2.24 -18.42
CA HIS C 257 28.26 -2.68 -19.47
C HIS C 257 28.78 -1.49 -20.23
N GLN C 258 30.11 -1.42 -20.37
CA GLN C 258 30.77 -0.31 -21.07
C GLN C 258 30.77 -0.58 -22.57
N ASN D 3 12.49 23.37 -6.83
CA ASN D 3 11.11 22.79 -6.85
C ASN D 3 10.61 22.43 -5.45
N ALA D 4 9.80 23.34 -4.88
CA ALA D 4 9.35 23.24 -3.49
C ALA D 4 8.37 22.10 -3.23
N LEU D 5 7.47 21.86 -4.20
CA LEU D 5 6.45 20.82 -4.07
C LEU D 5 7.06 19.43 -3.85
N LEU D 6 8.14 19.13 -4.57
CA LEU D 6 8.86 17.87 -4.40
C LEU D 6 9.51 17.75 -3.02
N ARG D 7 10.18 18.81 -2.57
CA ARG D 7 10.78 18.82 -1.24
C ARG D 7 9.73 18.50 -0.18
N TYR D 8 8.53 19.06 -0.37
CA TYR D 8 7.40 18.84 0.53
C TYR D 8 6.95 17.38 0.60
N LEU D 9 6.56 16.81 -0.54
CA LEU D 9 6.07 15.43 -0.59
C LEU D 9 7.10 14.43 -0.04
N LEU D 10 8.37 14.83 -0.04
CA LEU D 10 9.44 14.00 0.48
C LEU D 10 9.66 14.16 2.00
N ASP D 11 9.09 15.20 2.60
CA ASP D 11 9.08 15.37 4.06
C ASP D 11 7.78 14.86 4.68
C1 GW6 E . -21.86 -2.51 18.92
C2 GW6 E . -21.62 -3.05 17.53
C3 GW6 E . -20.13 -3.07 17.22
C4 GW6 E . -20.03 -2.20 15.98
C5 GW6 E . -18.79 -2.31 15.12
C6 GW6 E . -17.59 -1.91 15.95
C7 GW6 E . -16.34 -1.91 15.09
F1 GW6 E . -15.31 -1.41 15.82
C8 GW6 E . -16.53 -1.12 13.84
C9 GW6 E . -15.67 -0.14 13.56
C10 GW6 E . -15.85 0.63 12.33
O1 GW6 E . -15.02 1.46 12.01
C11 GW6 E . -17.02 0.40 11.48
C12 GW6 E . -17.85 -0.59 11.83
C13 GW6 E . -17.69 -1.49 12.99
C14 GW6 E . -17.49 -2.87 12.42
C15 GW6 E . -18.91 -1.37 13.91
F2 GW6 E . -18.89 -0.10 14.41
C16 GW6 E . -20.26 -1.47 13.17
O2 GW6 E . -20.35 -2.63 12.35
C17 GW6 E . -21.46 -1.49 14.10
C18 GW6 E . -21.32 -2.48 15.24
C19 GW6 E . -21.41 -3.91 14.73
C20 GW6 E . -22.26 -2.24 16.41
O3 GW6 E . -22.24 -0.83 16.72
C21 GW6 E . -23.34 -0.25 17.31
O4 GW6 E . -24.36 -0.80 17.67
C22 GW6 E . -23.08 1.15 17.44
C23 GW6 E . -22.24 2.00 16.77
C24 GW6 E . -22.41 3.28 17.35
C25 GW6 E . -23.35 3.12 18.34
O5 GW6 E . -23.76 1.83 18.41
C26 GW6 E . -23.67 -2.72 16.10
O6 GW6 E . -24.21 -3.66 16.68
S1 GW6 E . -24.54 -1.81 14.86
C27 GW6 E . -26.15 -2.57 15.07
F3 GW6 E . -26.07 -3.84 14.60
C1 GW6 F . 7.45 11.43 -25.55
C2 GW6 F . 7.02 12.13 -24.29
C3 GW6 F . 7.23 11.20 -23.11
C4 GW6 F . 5.83 11.03 -22.57
C5 GW6 F . 5.69 10.40 -21.21
C6 GW6 F . 6.24 9.00 -21.29
C7 GW6 F . 6.13 8.36 -19.93
F1 GW6 F . 6.56 7.07 -20.02
C8 GW6 F . 4.73 8.44 -19.41
C9 GW6 F . 4.11 7.32 -19.05
C10 GW6 F . 2.74 7.40 -18.55
O1 GW6 F . 2.17 6.40 -18.15
C11 GW6 F . 2.04 8.70 -18.51
C12 GW6 F . 2.73 9.77 -18.90
C13 GW6 F . 4.13 9.81 -19.36
C14 GW6 F . 4.90 10.64 -18.35
C15 GW6 F . 4.23 10.37 -20.78
F2 GW6 F . 3.59 9.48 -21.59
C16 GW6 F . 3.49 11.69 -21.01
O2 GW6 F . 3.83 12.67 -20.03
C17 GW6 F . 3.73 12.30 -22.39
C18 GW6 F . 5.21 12.39 -22.74
C19 GW6 F . 5.91 13.46 -21.91
C20 GW6 F . 5.54 12.53 -24.22
O3 GW6 F . 4.71 11.58 -24.90
C21 GW6 F . 4.42 11.73 -26.24
O4 GW6 F . 4.99 12.47 -27.04
C22 GW6 F . 3.34 10.84 -26.54
C23 GW6 F . 2.76 9.82 -25.81
C24 GW6 F . 1.74 9.28 -26.63
C25 GW6 F . 1.76 10.01 -27.80
O5 GW6 F . 2.73 10.96 -27.75
C26 GW6 F . 5.35 13.95 -24.77
O6 GW6 F . 6.28 14.61 -25.18
S1 GW6 F . 3.69 14.58 -24.79
C27 GW6 F . 4.00 16.23 -25.45
F3 GW6 F . 4.99 16.79 -24.72
#